data_5GRD
#
_entry.id   5GRD
#
_cell.length_a   54.422
_cell.length_b   67.795
_cell.length_c   115.295
_cell.angle_alpha   90.00
_cell.angle_beta   90.00
_cell.angle_gamma   90.00
#
_symmetry.space_group_name_H-M   'P 21 21 21'
#
loop_
_entity.id
_entity.type
_entity.pdbx_description
1 polymer 'HLA class I histocompatibility antigen, A-11 alpha chain'
2 polymer Beta-2-microglobulin
3 polymer 'Epstein Barr Virus, Latent membrane protein 2 epitope'
4 non-polymer GLYCEROL
5 water water
#
loop_
_entity_poly.entity_id
_entity_poly.type
_entity_poly.pdbx_seq_one_letter_code
_entity_poly.pdbx_strand_id
1 'polypeptide(L)'
;GSHSMRYFYTSVSRPGRGEPRFIAVGYVDDTQFVRFDSDAASQRMEPRAPWIEQEGPEYWDQETRNVKAQSQTDRVDLGT
LRGYYNQSEDGSHTIQIMYGCDVGPDGRFLRGYRQDAYDGKDYIALNEDLRSWTAADMAAQITKRKWEAAHAAEQQRAYL
EGRCVEWLRRYLENGKETLQRTDPPKTHMTHHPISDHEATLRCWALGFYPAEITLTWQRDGEDQTQDTELVETRPAGDGT
FQKWAAVVVPSGEEQRYTCHVQHEGLPKPLTLRWE
;
A
2 'polypeptide(L)'
;IQRTPKIQVYSRHPAENGKSNFLNCYVSGFHPSDIEVDLLKNGERIEKVEHSDLSFSKDWSFYLLYYTEFTPTEKDEYAC
RVNHVTLSQPKIVKWDRDM
;
B
3 'polypeptide(L)' SSCSSCPLSK C
#
loop_
_chem_comp.id
_chem_comp.type
_chem_comp.name
_chem_comp.formula
GOL non-polymer GLYCEROL 'C3 H8 O3'
#
# COMPACT_ATOMS: atom_id res chain seq x y z
N GLY A 1 19.43 8.04 -4.30
CA GLY A 1 19.14 6.71 -4.87
C GLY A 1 18.00 6.80 -5.86
N SER A 2 17.37 5.65 -6.10
CA SER A 2 16.28 5.52 -7.09
C SER A 2 14.94 5.94 -6.59
N HIS A 3 14.04 6.26 -7.55
CA HIS A 3 12.73 6.70 -7.17
C HIS A 3 11.73 6.08 -8.19
N SER A 4 10.51 6.02 -7.75
CA SER A 4 9.36 5.46 -8.51
C SER A 4 8.18 6.39 -8.49
N MET A 5 7.33 6.32 -9.54
CA MET A 5 6.04 6.93 -9.51
C MET A 5 5.09 5.88 -10.04
N ARG A 6 3.95 5.74 -9.38
CA ARG A 6 2.93 4.74 -9.74
C ARG A 6 1.58 5.35 -9.60
N TYR A 7 0.67 4.97 -10.49
CA TYR A 7 -0.72 5.15 -10.46
C TYR A 7 -1.41 3.80 -10.31
N PHE A 8 -2.35 3.78 -9.36
CA PHE A 8 -3.18 2.64 -9.08
C PHE A 8 -4.66 2.95 -9.22
N TYR A 9 -5.36 2.19 -10.06
CA TYR A 9 -6.75 2.33 -10.33
C TYR A 9 -7.51 1.07 -9.98
N THR A 10 -8.61 1.24 -9.24
CA THR A 10 -9.50 0.18 -8.87
C THR A 10 -10.95 0.54 -9.31
N SER A 11 -11.55 -0.35 -10.09
CA SER A 11 -12.98 -0.28 -10.49
C SER A 11 -13.72 -1.54 -9.99
N VAL A 12 -14.85 -1.33 -9.34
CA VAL A 12 -15.59 -2.39 -8.74
C VAL A 12 -17.09 -2.30 -9.19
N SER A 13 -17.59 -3.33 -9.83
CA SER A 13 -19.02 -3.37 -10.20
C SER A 13 -19.88 -3.61 -8.95
N ARG A 14 -21.10 -3.07 -8.99
CA ARG A 14 -22.02 -3.21 -7.86
C ARG A 14 -23.41 -3.31 -8.50
N PRO A 15 -23.74 -4.51 -9.00
CA PRO A 15 -24.88 -4.69 -9.89
C PRO A 15 -26.22 -4.28 -9.25
N GLY A 16 -27.04 -3.57 -10.03
CA GLY A 16 -28.25 -2.92 -9.55
C GLY A 16 -28.06 -1.82 -8.53
N ARG A 17 -26.85 -1.27 -8.38
CA ARG A 17 -26.54 -0.25 -7.36
C ARG A 17 -25.76 0.91 -7.97
N GLY A 18 -26.09 1.19 -9.21
CA GLY A 18 -25.52 2.28 -9.93
C GLY A 18 -24.24 1.83 -10.61
N GLU A 19 -23.43 2.82 -10.93
CA GLU A 19 -22.30 2.62 -11.80
C GLU A 19 -21.18 2.08 -10.88
N PRO A 20 -20.15 1.51 -11.49
CA PRO A 20 -19.06 0.96 -10.67
C PRO A 20 -18.38 2.00 -9.85
N ARG A 21 -17.86 1.62 -8.69
CA ARG A 21 -17.00 2.43 -7.82
C ARG A 21 -15.61 2.49 -8.51
N PHE A 22 -15.07 3.69 -8.65
CA PHE A 22 -13.75 3.90 -9.21
C PHE A 22 -12.93 4.75 -8.30
N ILE A 23 -11.74 4.22 -7.96
CA ILE A 23 -10.81 4.95 -7.10
C ILE A 23 -9.44 5.00 -7.79
N ALA A 24 -8.84 6.19 -7.87
CA ALA A 24 -7.45 6.37 -8.32
C ALA A 24 -6.57 6.93 -7.27
N VAL A 25 -5.37 6.39 -7.11
CA VAL A 25 -4.37 7.01 -6.29
C VAL A 25 -3.03 7.08 -7.01
N GLY A 26 -2.24 8.11 -6.72
CA GLY A 26 -0.89 8.25 -7.25
C GLY A 26 0.10 8.31 -6.11
N TYR A 27 1.29 7.67 -6.26
CA TYR A 27 2.37 7.70 -5.32
C TYR A 27 3.69 8.09 -5.99
N VAL A 28 4.58 8.74 -5.24
CA VAL A 28 5.98 8.82 -5.55
C VAL A 28 6.64 8.10 -4.41
N ASP A 29 7.46 7.14 -4.74
CA ASP A 29 8.04 6.26 -3.71
C ASP A 29 6.99 5.78 -2.77
N ASP A 30 7.17 5.97 -1.44
CA ASP A 30 6.18 5.55 -0.51
C ASP A 30 5.24 6.67 -0.05
N THR A 31 5.07 7.74 -0.85
CA THR A 31 4.24 8.91 -0.45
C THR A 31 3.12 9.09 -1.45
N GLN A 32 1.89 8.93 -1.00
CA GLN A 32 0.73 9.25 -1.82
C GLN A 32 0.57 10.73 -2.09
N PHE A 33 0.23 11.11 -3.31
CA PHE A 33 0.08 12.51 -3.64
C PHE A 33 -1.18 12.99 -4.32
N VAL A 34 -1.99 12.10 -4.91
CA VAL A 34 -3.24 12.44 -5.54
C VAL A 34 -4.28 11.33 -5.34
N ARG A 35 -5.53 11.70 -5.48
CA ARG A 35 -6.63 10.74 -5.48
C ARG A 35 -7.77 11.21 -6.33
N PHE A 36 -8.56 10.23 -6.78
CA PHE A 36 -9.88 10.45 -7.41
C PHE A 36 -10.82 9.39 -6.88
N ASP A 37 -12.03 9.82 -6.50
CA ASP A 37 -13.08 8.92 -6.07
C ASP A 37 -14.33 9.20 -6.83
N SER A 38 -14.80 8.22 -7.60
CA SER A 38 -16.04 8.36 -8.37
C SER A 38 -17.24 8.81 -7.48
N ASP A 39 -17.23 8.40 -6.22
CA ASP A 39 -18.38 8.62 -5.33
C ASP A 39 -18.30 9.96 -4.59
N ALA A 40 -17.14 10.63 -4.63
CA ALA A 40 -16.96 11.93 -4.00
C ALA A 40 -17.64 13.08 -4.76
N ALA A 41 -17.82 14.21 -4.06
CA ALA A 41 -18.55 15.38 -4.58
C ALA A 41 -17.83 16.06 -5.76
N SER A 42 -16.52 16.20 -5.61
CA SER A 42 -15.80 17.15 -6.38
C SER A 42 -15.69 16.76 -7.82
N GLN A 43 -15.61 15.45 -8.11
CA GLN A 43 -15.40 14.95 -9.49
C GLN A 43 -14.16 15.52 -10.16
N ARG A 44 -13.16 15.80 -9.35
CA ARG A 44 -11.86 16.25 -9.82
C ARG A 44 -10.77 15.31 -9.22
N MET A 45 -9.63 15.20 -9.89
CA MET A 45 -8.40 14.72 -9.23
C MET A 45 -8.05 15.72 -8.12
N GLU A 46 -7.73 15.19 -6.92
CA GLU A 46 -7.48 16.03 -5.76
C GLU A 46 -6.08 15.81 -5.19
N PRO A 47 -5.49 16.86 -4.58
CA PRO A 47 -4.22 16.75 -3.88
C PRO A 47 -4.31 15.96 -2.61
N ARG A 48 -3.22 15.23 -2.31
CA ARG A 48 -3.06 14.46 -1.07
C ARG A 48 -1.68 14.51 -0.45
N ALA A 49 -0.81 15.36 -0.98
CA ALA A 49 0.47 15.64 -0.42
C ALA A 49 0.59 17.18 -0.57
N PRO A 50 1.32 17.85 0.34
CA PRO A 50 1.44 19.32 0.28
C PRO A 50 2.20 19.87 -0.95
N TRP A 51 3.25 19.22 -1.40
CA TRP A 51 4.03 19.63 -2.58
C TRP A 51 3.30 19.59 -3.97
N ILE A 52 2.25 18.79 -4.12
CA ILE A 52 1.45 18.85 -5.36
C ILE A 52 0.44 20.00 -5.38
N GLU A 53 0.16 20.55 -4.18
CA GLU A 53 -0.86 21.59 -4.04
C GLU A 53 -0.66 22.76 -4.98
N GLN A 54 0.59 23.10 -5.21
CA GLN A 54 1.00 24.17 -6.10
C GLN A 54 0.74 24.02 -7.58
N GLU A 55 0.45 22.82 -8.03
CA GLU A 55 0.10 22.69 -9.46
C GLU A 55 -1.15 23.54 -9.71
N GLY A 56 -1.16 24.16 -10.87
CA GLY A 56 -2.27 25.01 -11.31
C GLY A 56 -3.37 24.29 -12.04
N PRO A 57 -4.42 25.04 -12.44
CA PRO A 57 -5.58 24.46 -13.10
C PRO A 57 -5.26 23.75 -14.42
N GLU A 58 -4.22 24.10 -15.13
CA GLU A 58 -3.94 23.40 -16.39
C GLU A 58 -3.61 21.90 -16.05
N TYR A 59 -2.92 21.71 -14.95
CA TYR A 59 -2.58 20.33 -14.45
C TYR A 59 -3.76 19.60 -13.95
N TRP A 60 -4.52 20.20 -13.03
CA TRP A 60 -5.65 19.54 -12.46
C TRP A 60 -6.72 19.26 -13.52
N ASP A 61 -6.88 20.14 -14.52
CA ASP A 61 -7.81 19.91 -15.60
C ASP A 61 -7.39 18.68 -16.45
N GLN A 62 -6.12 18.58 -16.80
CA GLN A 62 -5.67 17.46 -17.63
C GLN A 62 -5.77 16.17 -16.82
N GLU A 63 -5.37 16.25 -15.55
CA GLU A 63 -5.41 15.03 -14.67
C GLU A 63 -6.83 14.53 -14.49
N THR A 64 -7.79 15.47 -14.35
CA THR A 64 -9.19 15.11 -14.31
C THR A 64 -9.70 14.55 -15.56
N ARG A 65 -9.34 15.10 -16.75
CA ARG A 65 -9.74 14.50 -18.02
C ARG A 65 -9.23 13.01 -18.04
N ASN A 66 -8.03 12.84 -17.53
CA ASN A 66 -7.34 11.52 -17.63
C ASN A 66 -8.06 10.51 -16.79
N VAL A 67 -8.31 10.85 -15.53
CA VAL A 67 -8.93 9.87 -14.65
C VAL A 67 -10.34 9.58 -14.96
N LYS A 68 -11.06 10.60 -15.45
CA LYS A 68 -12.37 10.34 -16.00
C LYS A 68 -12.43 9.38 -17.18
N ALA A 69 -11.50 9.53 -18.14
CA ALA A 69 -11.41 8.69 -19.30
C ALA A 69 -11.07 7.25 -18.86
N GLN A 70 -10.11 7.13 -17.96
CA GLN A 70 -9.80 5.77 -17.34
C GLN A 70 -11.03 5.13 -16.69
N SER A 71 -11.79 5.87 -15.90
CA SER A 71 -12.95 5.34 -15.18
C SER A 71 -14.00 4.87 -16.20
N GLN A 72 -14.19 5.64 -17.28
CA GLN A 72 -15.21 5.28 -18.31
C GLN A 72 -14.80 4.03 -19.10
N THR A 73 -13.54 3.94 -19.45
CA THR A 73 -12.93 2.79 -20.13
C THR A 73 -13.11 1.56 -19.23
N ASP A 74 -12.74 1.71 -17.97
CA ASP A 74 -12.84 0.55 -17.03
C ASP A 74 -14.29 0.11 -16.81
N ARG A 75 -15.23 1.06 -16.87
CA ARG A 75 -16.62 0.70 -16.64
C ARG A 75 -17.13 -0.17 -17.79
N VAL A 76 -16.80 0.20 -19.01
CA VAL A 76 -17.19 -0.60 -20.13
C VAL A 76 -16.48 -1.96 -20.09
N ASP A 77 -15.22 -1.93 -19.72
CA ASP A 77 -14.43 -3.19 -19.61
C ASP A 77 -14.98 -4.19 -18.62
N LEU A 78 -15.57 -3.71 -17.55
CA LEU A 78 -16.21 -4.60 -16.62
C LEU A 78 -17.31 -5.47 -17.28
N GLY A 79 -18.09 -4.82 -18.16
CA GLY A 79 -19.09 -5.53 -19.02
C GLY A 79 -18.44 -6.49 -19.98
N THR A 80 -17.40 -6.05 -20.67
CA THR A 80 -16.75 -6.87 -21.63
C THR A 80 -16.18 -8.11 -20.97
N LEU A 81 -15.49 -7.90 -19.86
CA LEU A 81 -14.78 -9.05 -19.26
C LEU A 81 -15.80 -9.99 -18.59
N ARG A 82 -16.90 -9.47 -18.09
CA ARG A 82 -18.01 -10.37 -17.63
C ARG A 82 -18.43 -11.34 -18.76
N GLY A 83 -18.54 -10.80 -19.96
CA GLY A 83 -18.79 -11.51 -21.18
C GLY A 83 -17.70 -12.53 -21.57
N TYR A 84 -16.44 -12.12 -21.51
CA TYR A 84 -15.34 -13.03 -21.83
C TYR A 84 -15.36 -14.23 -20.87
N TYR A 85 -15.71 -14.01 -19.61
CA TYR A 85 -15.67 -15.09 -18.64
C TYR A 85 -17.05 -15.80 -18.45
N ASN A 86 -18.06 -15.42 -19.23
CA ASN A 86 -19.46 -16.03 -19.13
C ASN A 86 -20.02 -15.92 -17.70
N GLN A 87 -19.86 -14.75 -17.08
CA GLN A 87 -20.26 -14.55 -15.69
C GLN A 87 -21.63 -13.89 -15.66
N SER A 88 -22.41 -14.11 -14.61
CA SER A 88 -23.73 -13.46 -14.55
C SER A 88 -23.61 -11.97 -14.23
N GLU A 89 -24.68 -11.24 -14.53
CA GLU A 89 -24.81 -9.82 -14.17
C GLU A 89 -24.94 -9.51 -12.69
N ASP A 90 -25.11 -10.54 -11.87
CA ASP A 90 -25.43 -10.39 -10.45
C ASP A 90 -24.23 -10.22 -9.50
N GLY A 91 -23.06 -10.71 -9.87
CA GLY A 91 -21.87 -10.70 -9.00
C GLY A 91 -21.09 -9.41 -9.19
N SER A 92 -20.35 -9.03 -8.17
CA SER A 92 -19.45 -7.88 -8.22
C SER A 92 -18.07 -8.33 -8.61
N HIS A 93 -17.40 -7.58 -9.50
CA HIS A 93 -16.04 -7.95 -9.95
C HIS A 93 -15.20 -6.70 -9.94
N THR A 94 -13.88 -6.89 -10.07
CA THR A 94 -12.94 -5.78 -9.89
C THR A 94 -11.91 -5.77 -11.04
N ILE A 95 -11.74 -4.62 -11.69
CA ILE A 95 -10.52 -4.38 -12.53
C ILE A 95 -9.51 -3.54 -11.68
N GLN A 96 -8.22 -3.92 -11.71
CA GLN A 96 -7.15 -3.12 -11.15
C GLN A 96 -6.08 -2.89 -12.19
N ILE A 97 -5.58 -1.67 -12.22
CA ILE A 97 -4.55 -1.29 -13.09
C ILE A 97 -3.45 -0.55 -12.36
N MET A 98 -2.19 -0.92 -12.66
CA MET A 98 -1.04 -0.16 -12.16
C MET A 98 -0.17 0.22 -13.32
N TYR A 99 0.39 1.44 -13.28
CA TYR A 99 1.41 1.82 -14.23
C TYR A 99 2.32 2.86 -13.61
N GLY A 100 3.53 2.95 -14.14
CA GLY A 100 4.48 3.92 -13.60
C GLY A 100 5.88 3.67 -14.09
N CYS A 101 6.82 4.42 -13.54
CA CYS A 101 8.19 4.44 -13.99
C CYS A 101 9.11 4.54 -12.79
N ASP A 102 10.27 3.99 -13.00
CA ASP A 102 11.43 4.14 -12.08
C ASP A 102 12.54 4.92 -12.73
N VAL A 103 13.21 5.73 -11.89
CA VAL A 103 14.36 6.52 -12.30
C VAL A 103 15.51 6.20 -11.34
N GLY A 104 16.72 6.26 -11.91
CA GLY A 104 17.98 6.15 -11.12
C GLY A 104 18.35 7.42 -10.36
N PRO A 105 19.49 7.38 -9.65
CA PRO A 105 19.88 8.60 -8.89
C PRO A 105 20.23 9.79 -9.78
N ASP A 106 20.63 9.54 -11.01
CA ASP A 106 20.83 10.60 -12.01
C ASP A 106 19.53 11.18 -12.62
N GLY A 107 18.37 10.63 -12.22
CA GLY A 107 17.05 10.97 -12.82
C GLY A 107 16.74 10.27 -14.12
N ARG A 108 17.57 9.37 -14.58
CA ARG A 108 17.31 8.80 -15.89
C ARG A 108 16.37 7.61 -15.75
N PHE A 109 15.58 7.37 -16.79
CA PHE A 109 14.67 6.20 -16.87
C PHE A 109 15.37 4.89 -16.60
N LEU A 110 14.85 4.09 -15.68
CA LEU A 110 15.32 2.71 -15.47
C LEU A 110 14.35 1.63 -16.07
N ARG A 111 13.08 1.80 -15.80
CA ARG A 111 12.08 0.78 -16.05
C ARG A 111 10.70 1.42 -16.09
N GLY A 112 9.84 0.88 -16.96
CA GLY A 112 8.42 1.28 -16.97
C GLY A 112 7.52 0.08 -16.78
N TYR A 113 6.31 0.30 -16.35
CA TYR A 113 5.38 -0.78 -15.98
C TYR A 113 3.99 -0.45 -16.42
N ARG A 114 3.25 -1.44 -16.88
CA ARG A 114 1.79 -1.30 -17.03
C ARG A 114 1.24 -2.69 -16.82
N GLN A 115 0.41 -2.88 -15.82
CA GLN A 115 -0.18 -4.24 -15.59
C GLN A 115 -1.60 -4.14 -15.10
N ASP A 116 -2.44 -5.11 -15.51
CA ASP A 116 -3.85 -5.07 -15.26
C ASP A 116 -4.27 -6.44 -14.70
N ALA A 117 -5.22 -6.37 -13.81
CA ALA A 117 -5.81 -7.54 -13.10
C ALA A 117 -7.32 -7.55 -13.24
N TYR A 118 -7.92 -8.76 -13.12
CA TYR A 118 -9.36 -8.96 -13.08
C TYR A 118 -9.63 -9.92 -11.91
N ASP A 119 -10.47 -9.45 -11.00
CA ASP A 119 -10.74 -10.21 -9.76
C ASP A 119 -9.45 -10.63 -9.01
N GLY A 120 -8.52 -9.69 -8.95
CA GLY A 120 -7.35 -9.89 -8.11
C GLY A 120 -6.29 -10.80 -8.68
N LYS A 121 -6.39 -11.19 -9.96
CA LYS A 121 -5.38 -12.04 -10.60
C LYS A 121 -4.93 -11.39 -11.87
N ASP A 122 -3.70 -11.72 -12.26
CA ASP A 122 -3.15 -11.18 -13.50
C ASP A 122 -4.07 -11.35 -14.64
N TYR A 123 -4.20 -10.31 -15.48
CA TYR A 123 -5.06 -10.37 -16.68
C TYR A 123 -4.12 -10.16 -17.90
N ILE A 124 -3.55 -8.96 -18.03
CA ILE A 124 -2.60 -8.64 -19.11
C ILE A 124 -1.50 -7.69 -18.53
N ALA A 125 -0.28 -7.81 -19.04
CA ALA A 125 0.86 -7.02 -18.59
C ALA A 125 1.76 -6.71 -19.74
N LEU A 126 2.25 -5.46 -19.74
CA LEU A 126 3.27 -5.02 -20.65
C LEU A 126 4.64 -5.59 -20.21
N ASN A 127 5.31 -6.25 -21.13
CA ASN A 127 6.61 -6.82 -20.82
C ASN A 127 7.68 -5.72 -20.63
N GLU A 128 8.79 -6.10 -20.04
CA GLU A 128 9.85 -5.11 -19.76
C GLU A 128 10.37 -4.41 -21.01
N ASP A 129 10.26 -5.04 -22.16
CA ASP A 129 10.68 -4.42 -23.47
C ASP A 129 9.77 -3.30 -23.87
N LEU A 130 8.66 -3.11 -23.15
CA LEU A 130 7.67 -2.09 -23.49
C LEU A 130 7.16 -2.19 -24.92
N ARG A 131 7.19 -3.40 -25.50
CA ARG A 131 6.75 -3.62 -26.84
C ARG A 131 5.75 -4.74 -26.99
N SER A 132 5.71 -5.68 -26.05
CA SER A 132 4.89 -6.89 -26.17
C SER A 132 4.17 -7.13 -24.89
N TRP A 133 3.12 -7.93 -24.99
CA TRP A 133 2.21 -8.21 -23.86
C TRP A 133 2.24 -9.65 -23.48
N THR A 134 2.03 -9.90 -22.21
CA THR A 134 1.77 -11.23 -21.69
C THR A 134 0.33 -11.33 -21.19
N ALA A 135 -0.42 -12.27 -21.76
CA ALA A 135 -1.85 -12.51 -21.43
C ALA A 135 -1.94 -13.73 -20.51
N ALA A 136 -2.73 -13.59 -19.49
CA ALA A 136 -2.76 -14.65 -18.41
C ALA A 136 -3.60 -15.81 -18.86
N ASP A 137 -4.61 -15.56 -19.70
CA ASP A 137 -5.59 -16.63 -20.01
C ASP A 137 -6.28 -16.37 -21.35
N MET A 138 -7.31 -17.18 -21.72
CA MET A 138 -7.89 -16.96 -23.04
CA MET A 138 -7.97 -16.98 -23.01
C MET A 138 -8.64 -15.61 -23.18
N ALA A 139 -9.30 -15.13 -22.13
CA ALA A 139 -9.96 -13.80 -22.18
C ALA A 139 -8.93 -12.72 -22.52
N ALA A 140 -7.85 -12.71 -21.75
CA ALA A 140 -6.81 -11.75 -21.99
C ALA A 140 -6.15 -11.86 -23.34
N GLN A 141 -6.11 -13.08 -23.93
CA GLN A 141 -5.64 -13.22 -25.34
C GLN A 141 -6.49 -12.36 -26.29
N ILE A 142 -7.78 -12.27 -26.03
CA ILE A 142 -8.69 -11.48 -26.88
C ILE A 142 -8.25 -10.00 -26.79
N THR A 143 -8.09 -9.53 -25.56
CA THR A 143 -7.55 -8.17 -25.28
C THR A 143 -6.19 -7.94 -25.95
N LYS A 144 -5.25 -8.88 -25.77
CA LYS A 144 -3.98 -8.79 -26.40
C LYS A 144 -4.02 -8.54 -27.91
N ARG A 145 -4.80 -9.32 -28.64
CA ARG A 145 -4.94 -9.08 -30.11
C ARG A 145 -5.48 -7.68 -30.44
N LYS A 146 -6.47 -7.26 -29.66
CA LYS A 146 -7.03 -5.93 -29.79
C LYS A 146 -5.99 -4.86 -29.58
N TRP A 147 -5.22 -5.01 -28.48
CA TRP A 147 -4.22 -4.03 -28.12
C TRP A 147 -3.07 -4.07 -29.11
N GLU A 148 -2.74 -5.22 -29.69
CA GLU A 148 -1.70 -5.30 -30.73
C GLU A 148 -2.18 -4.56 -31.98
N ALA A 149 -3.46 -4.76 -32.36
CA ALA A 149 -4.01 -4.03 -33.51
C ALA A 149 -4.10 -2.51 -33.28
N ALA A 150 -4.39 -2.04 -32.05
CA ALA A 150 -4.50 -0.59 -31.78
C ALA A 150 -3.13 0.06 -31.43
N HIS A 151 -2.06 -0.71 -31.47
CA HIS A 151 -0.73 -0.24 -31.11
C HIS A 151 -0.70 0.42 -29.74
N ALA A 152 -1.37 -0.25 -28.79
CA ALA A 152 -1.47 0.20 -27.44
C ALA A 152 -0.10 0.31 -26.74
N ALA A 153 0.82 -0.62 -27.02
CA ALA A 153 2.13 -0.62 -26.39
C ALA A 153 2.93 0.60 -26.74
N GLU A 154 2.82 1.05 -28.00
CA GLU A 154 3.56 2.25 -28.39
CA GLU A 154 3.48 2.28 -28.44
C GLU A 154 3.06 3.47 -27.59
N GLN A 155 1.76 3.61 -27.38
CA GLN A 155 1.24 4.72 -26.55
C GLN A 155 1.68 4.65 -25.12
N GLN A 156 1.65 3.44 -24.57
CA GLN A 156 2.07 3.36 -23.19
C GLN A 156 3.55 3.71 -23.02
N ARG A 157 4.41 3.15 -23.89
CA ARG A 157 5.85 3.37 -23.85
C ARG A 157 6.16 4.86 -23.99
N ALA A 158 5.47 5.54 -24.90
CA ALA A 158 5.64 7.00 -25.09
C ALA A 158 5.45 7.76 -23.75
N TYR A 159 4.38 7.42 -23.04
CA TYR A 159 4.14 7.98 -21.69
C TYR A 159 5.22 7.59 -20.67
N LEU A 160 5.52 6.28 -20.58
CA LEU A 160 6.42 5.78 -19.58
C LEU A 160 7.84 6.38 -19.67
N GLU A 161 8.32 6.56 -20.88
CA GLU A 161 9.68 7.02 -21.14
C GLU A 161 9.76 8.54 -21.20
N GLY A 162 8.60 9.19 -21.21
CA GLY A 162 8.53 10.67 -21.37
C GLY A 162 7.88 11.37 -20.16
N ARG A 163 6.60 11.72 -20.27
CA ARG A 163 5.86 12.34 -19.24
C ARG A 163 6.07 11.73 -17.84
N CYS A 164 5.96 10.42 -17.79
CA CYS A 164 6.11 9.75 -16.47
C CYS A 164 7.43 10.17 -15.77
N VAL A 165 8.54 10.07 -16.49
CA VAL A 165 9.86 10.35 -15.89
C VAL A 165 10.02 11.85 -15.69
N GLU A 166 9.56 12.63 -16.66
CA GLU A 166 9.63 14.09 -16.49
C GLU A 166 8.93 14.63 -15.29
N TRP A 167 7.71 14.18 -15.04
CA TRP A 167 6.96 14.66 -13.89
C TRP A 167 7.50 14.04 -12.55
N LEU A 168 7.96 12.81 -12.60
CA LEU A 168 8.64 12.23 -11.43
C LEU A 168 9.82 13.13 -11.03
N ARG A 169 10.69 13.45 -11.97
CA ARG A 169 11.80 14.42 -11.65
C ARG A 169 11.28 15.75 -11.09
N ARG A 170 10.23 16.33 -11.67
CA ARG A 170 9.60 17.56 -11.15
C ARG A 170 9.12 17.45 -9.68
N TYR A 171 8.48 16.35 -9.37
CA TYR A 171 7.97 16.12 -8.01
C TYR A 171 9.14 15.95 -7.04
N LEU A 172 10.18 15.23 -7.45
CA LEU A 172 11.29 14.98 -6.52
C LEU A 172 11.95 16.31 -6.11
N GLU A 173 12.03 17.21 -7.09
CA GLU A 173 12.47 18.58 -6.85
C GLU A 173 11.48 19.41 -6.03
N ASN A 174 10.22 19.60 -6.44
CA ASN A 174 9.26 20.38 -5.65
C ASN A 174 8.84 19.84 -4.27
N GLY A 175 8.88 18.53 -4.09
CA GLY A 175 8.63 17.91 -2.79
C GLY A 175 9.91 17.44 -2.16
N LYS A 176 11.02 18.07 -2.55
CA LYS A 176 12.35 17.67 -2.10
C LYS A 176 12.43 17.48 -0.59
N GLU A 177 11.81 18.38 0.16
CA GLU A 177 11.92 18.46 1.64
C GLU A 177 11.39 17.18 2.33
N THR A 178 10.36 16.57 1.72
CA THR A 178 9.85 15.32 2.21
C THR A 178 10.21 14.11 1.36
N LEU A 179 10.22 14.24 0.04
CA LEU A 179 10.49 13.07 -0.78
C LEU A 179 11.92 12.66 -0.79
N GLN A 180 12.82 13.61 -0.54
CA GLN A 180 14.24 13.28 -0.66
C GLN A 180 14.94 13.18 0.70
N ARG A 181 14.16 13.15 1.76
CA ARG A 181 14.70 12.97 3.07
C ARG A 181 14.87 11.50 3.41
N THR A 182 15.80 11.20 4.27
CA THR A 182 15.81 9.90 4.91
C THR A 182 15.64 10.26 6.41
N ASP A 183 14.66 9.62 7.05
CA ASP A 183 14.45 9.71 8.49
C ASP A 183 14.86 8.34 8.98
N PRO A 184 15.93 8.28 9.74
CA PRO A 184 16.45 6.99 10.20
C PRO A 184 15.52 6.44 11.27
N PRO A 185 15.49 5.12 11.40
CA PRO A 185 14.63 4.64 12.50
C PRO A 185 15.13 5.04 13.91
N LYS A 186 14.19 5.28 14.77
CA LYS A 186 14.44 5.27 16.22
C LYS A 186 14.26 3.87 16.75
N THR A 187 15.27 3.32 17.42
CA THR A 187 15.20 1.93 17.78
C THR A 187 15.11 1.73 19.28
N HIS A 188 14.45 0.67 19.70
CA HIS A 188 14.57 0.22 21.11
C HIS A 188 14.24 -1.26 21.20
N MET A 189 14.46 -1.84 22.38
CA MET A 189 14.19 -3.20 22.64
C MET A 189 13.19 -3.33 23.74
N THR A 190 12.34 -4.34 23.63
CA THR A 190 11.45 -4.73 24.71
C THR A 190 11.72 -6.22 25.07
N HIS A 191 11.27 -6.61 26.27
CA HIS A 191 11.63 -7.90 26.81
C HIS A 191 10.50 -8.37 27.75
N HIS A 192 9.97 -9.56 27.51
CA HIS A 192 8.85 -10.08 28.28
C HIS A 192 9.05 -11.55 28.59
N PRO A 193 9.27 -11.86 29.87
CA PRO A 193 9.18 -13.29 30.23
C PRO A 193 7.86 -13.92 29.77
N ILE A 194 7.95 -15.14 29.24
CA ILE A 194 6.76 -15.91 28.82
C ILE A 194 6.46 -17.04 29.84
N SER A 195 7.50 -17.63 30.36
CA SER A 195 7.45 -18.65 31.42
C SER A 195 8.69 -18.42 32.25
N ASP A 196 8.99 -19.31 33.21
CA ASP A 196 10.22 -19.23 34.03
C ASP A 196 11.52 -19.39 33.23
N HIS A 197 11.42 -20.09 32.10
CA HIS A 197 12.58 -20.50 31.33
C HIS A 197 12.64 -19.85 29.90
N GLU A 198 11.56 -19.23 29.38
CA GLU A 198 11.58 -18.50 28.06
C GLU A 198 11.23 -17.04 28.21
N ALA A 199 11.73 -16.22 27.28
CA ALA A 199 11.38 -14.79 27.23
C ALA A 199 11.39 -14.31 25.78
N THR A 200 10.58 -13.32 25.48
CA THR A 200 10.58 -12.66 24.18
C THR A 200 11.49 -11.43 24.19
N LEU A 201 12.30 -11.29 23.15
CA LEU A 201 13.02 -10.07 22.90
C LEU A 201 12.44 -9.50 21.62
N ARG A 202 12.06 -8.25 21.65
CA ARG A 202 11.49 -7.60 20.50
C ARG A 202 12.26 -6.34 20.18
N CYS A 203 12.67 -6.18 18.91
CA CYS A 203 13.49 -5.11 18.43
C CYS A 203 12.63 -4.22 17.60
N TRP A 204 12.54 -2.98 17.98
CA TRP A 204 11.68 -1.99 17.36
C TRP A 204 12.42 -1.00 16.48
N ALA A 205 11.81 -0.68 15.32
CA ALA A 205 12.24 0.43 14.47
C ALA A 205 11.03 1.32 14.22
N LEU A 206 11.15 2.58 14.61
CA LEU A 206 10.03 3.53 14.49
C LEU A 206 10.39 4.78 13.74
N GLY A 207 9.44 5.41 13.13
CA GLY A 207 9.63 6.74 12.62
C GLY A 207 10.50 6.91 11.41
N PHE A 208 10.72 5.81 10.67
CA PHE A 208 11.64 5.78 9.52
C PHE A 208 10.93 6.03 8.16
N TYR A 209 11.71 6.50 7.20
CA TYR A 209 11.23 6.81 5.81
C TYR A 209 12.48 6.80 4.93
N PRO A 210 12.52 6.07 3.81
CA PRO A 210 11.47 5.29 3.24
C PRO A 210 11.20 4.02 3.97
N ALA A 211 10.20 3.28 3.50
CA ALA A 211 9.72 2.05 4.14
C ALA A 211 10.71 0.91 4.15
N GLU A 212 11.58 0.78 3.12
CA GLU A 212 12.55 -0.27 3.06
C GLU A 212 13.44 -0.27 4.31
N ILE A 213 13.51 -1.42 4.95
CA ILE A 213 14.34 -1.61 6.14
C ILE A 213 14.65 -3.08 6.28
N THR A 214 15.75 -3.41 6.95
CA THR A 214 15.96 -4.76 7.32
C THR A 214 16.22 -4.90 8.81
N LEU A 215 15.49 -5.79 9.48
CA LEU A 215 15.72 -6.12 10.91
C LEU A 215 16.05 -7.57 10.99
N THR A 216 17.20 -7.88 11.58
CA THR A 216 17.59 -9.27 11.71
C THR A 216 18.11 -9.54 13.11
N TRP A 217 17.83 -10.74 13.57
CA TRP A 217 18.39 -11.24 14.82
C TRP A 217 19.51 -12.25 14.60
N GLN A 218 20.55 -12.14 15.43
CA GLN A 218 21.63 -13.12 15.48
C GLN A 218 21.79 -13.66 16.92
N ARG A 219 22.30 -14.90 17.01
CA ARG A 219 22.71 -15.49 18.31
C ARG A 219 24.18 -15.91 18.16
N ASP A 220 25.05 -15.39 19.03
CA ASP A 220 26.54 -15.41 18.88
C ASP A 220 27.01 -15.03 17.47
N GLY A 221 26.44 -14.01 16.83
CA GLY A 221 26.85 -13.60 15.49
C GLY A 221 26.25 -14.41 14.33
N GLU A 222 25.42 -15.42 14.62
CA GLU A 222 24.86 -16.30 13.58
C GLU A 222 23.41 -15.92 13.33
N ASP A 223 22.99 -15.86 12.05
CA ASP A 223 21.61 -15.51 11.69
C ASP A 223 20.48 -16.42 12.22
N GLN A 224 19.40 -15.83 12.68
CA GLN A 224 18.34 -16.57 13.38
C GLN A 224 17.06 -16.39 12.64
N THR A 225 17.19 -16.16 11.33
CA THR A 225 16.10 -15.68 10.48
C THR A 225 14.89 -16.61 10.61
N GLN A 226 15.12 -17.92 10.69
CA GLN A 226 14.00 -18.82 10.65
C GLN A 226 13.28 -18.88 12.01
N ASP A 227 13.94 -18.39 13.07
CA ASP A 227 13.32 -18.26 14.39
C ASP A 227 12.89 -16.81 14.75
N THR A 228 12.83 -15.93 13.77
CA THR A 228 12.46 -14.55 13.98
C THR A 228 11.01 -14.35 13.55
N GLU A 229 10.16 -13.81 14.43
CA GLU A 229 8.82 -13.35 14.07
C GLU A 229 8.94 -11.88 13.59
N LEU A 230 8.48 -11.60 12.40
CA LEU A 230 8.54 -10.26 11.84
C LEU A 230 7.10 -9.82 11.73
N VAL A 231 6.85 -8.52 11.74
CA VAL A 231 5.57 -8.04 11.28
C VAL A 231 5.83 -7.35 10.01
N GLU A 232 4.80 -7.23 9.16
CA GLU A 232 4.86 -6.44 7.97
C GLU A 232 5.12 -4.99 8.33
N THR A 233 5.96 -4.33 7.56
CA THR A 233 6.20 -2.90 7.73
C THR A 233 4.89 -2.16 7.56
N ARG A 234 4.61 -1.23 8.47
CA ARG A 234 3.29 -0.64 8.59
C ARG A 234 3.39 0.86 8.73
N PRO A 235 2.38 1.57 8.20
CA PRO A 235 2.40 3.02 8.30
C PRO A 235 2.05 3.57 9.68
N ALA A 236 2.81 4.54 10.13
CA ALA A 236 2.48 5.20 11.42
C ALA A 236 1.34 6.17 11.35
N GLY A 237 1.08 6.64 10.12
CA GLY A 237 0.06 7.60 9.83
C GLY A 237 0.54 9.03 9.65
N ASP A 238 1.80 9.30 9.96
CA ASP A 238 2.39 10.64 9.86
C ASP A 238 3.39 10.69 8.71
N GLY A 239 3.36 9.67 7.88
CA GLY A 239 4.28 9.62 6.79
C GLY A 239 5.52 8.83 7.09
N THR A 240 5.66 8.29 8.32
CA THR A 240 6.77 7.39 8.60
C THR A 240 6.28 5.98 8.78
N PHE A 241 7.21 5.05 8.88
CA PHE A 241 6.89 3.65 9.03
C PHE A 241 7.41 2.99 10.30
N GLN A 242 6.86 1.81 10.56
CA GLN A 242 7.26 1.04 11.75
C GLN A 242 7.50 -0.37 11.39
N LYS A 243 8.34 -1.03 12.17
CA LYS A 243 8.50 -2.50 12.10
C LYS A 243 9.10 -3.02 13.36
N TRP A 244 8.84 -4.27 13.67
CA TRP A 244 9.60 -4.98 14.71
C TRP A 244 9.91 -6.39 14.38
N ALA A 245 10.90 -6.91 15.05
CA ALA A 245 11.30 -8.33 14.94
C ALA A 245 11.46 -8.93 16.30
N ALA A 246 10.96 -10.14 16.51
CA ALA A 246 11.07 -10.79 17.80
C ALA A 246 11.63 -12.20 17.75
N VAL A 247 12.33 -12.56 18.82
CA VAL A 247 12.82 -13.91 19.05
CA VAL A 247 12.78 -13.92 19.05
C VAL A 247 12.46 -14.39 20.45
N VAL A 248 12.32 -15.70 20.59
CA VAL A 248 12.11 -16.33 21.90
C VAL A 248 13.43 -16.94 22.36
N VAL A 249 13.87 -16.62 23.58
CA VAL A 249 15.19 -17.02 23.99
C VAL A 249 15.12 -17.71 25.35
N PRO A 250 16.11 -18.57 25.65
CA PRO A 250 16.21 -19.12 27.01
C PRO A 250 16.56 -18.02 28.01
N SER A 251 15.76 -17.91 29.08
CA SER A 251 15.98 -16.89 30.09
C SER A 251 17.39 -17.11 30.61
N GLY A 252 18.13 -16.03 30.76
CA GLY A 252 19.54 -16.08 31.10
C GLY A 252 20.50 -15.97 29.93
N GLU A 253 20.00 -16.15 28.72
CA GLU A 253 20.82 -16.10 27.49
C GLU A 253 20.55 -14.91 26.59
N GLU A 254 19.80 -13.91 27.07
CA GLU A 254 19.53 -12.71 26.28
C GLU A 254 20.77 -12.05 25.66
N GLN A 255 21.88 -12.05 26.41
CA GLN A 255 23.11 -11.36 26.00
C GLN A 255 23.82 -11.99 24.78
N ARG A 256 23.45 -13.21 24.44
CA ARG A 256 23.97 -13.85 23.21
C ARG A 256 23.28 -13.34 21.93
N TYR A 257 22.19 -12.56 22.05
CA TYR A 257 21.38 -12.18 20.92
C TYR A 257 21.56 -10.77 20.56
N THR A 258 21.71 -10.48 19.26
CA THR A 258 21.81 -9.10 18.79
C THR A 258 20.82 -8.82 17.65
N CYS A 259 20.24 -7.65 17.69
CA CYS A 259 19.32 -7.18 16.68
C CYS A 259 20.09 -6.27 15.78
N HIS A 260 19.96 -6.45 14.47
CA HIS A 260 20.71 -5.65 13.48
C HIS A 260 19.73 -4.87 12.65
N VAL A 261 19.90 -3.56 12.58
CA VAL A 261 18.98 -2.67 11.84
C VAL A 261 19.76 -1.97 10.68
N GLN A 262 19.30 -2.19 9.48
CA GLN A 262 19.89 -1.55 8.31
C GLN A 262 18.83 -0.71 7.70
N HIS A 263 19.14 0.55 7.41
CA HIS A 263 18.25 1.47 6.77
C HIS A 263 19.06 2.55 6.04
N GLU A 264 18.49 3.07 4.95
CA GLU A 264 19.15 4.11 4.13
CA GLU A 264 19.18 4.08 4.14
C GLU A 264 19.55 5.35 4.94
N GLY A 265 18.69 5.76 5.85
CA GLY A 265 18.98 6.79 6.81
C GLY A 265 20.09 6.60 7.83
N LEU A 266 20.67 5.43 7.94
CA LEU A 266 21.60 5.22 9.01
C LEU A 266 23.02 5.38 8.42
N PRO A 267 23.86 6.21 9.09
CA PRO A 267 25.29 6.19 8.82
C PRO A 267 25.88 4.80 8.79
N LYS A 268 25.62 4.01 9.84
CA LYS A 268 26.15 2.68 9.99
C LYS A 268 24.96 1.82 10.38
N PRO A 269 24.90 0.55 9.97
CA PRO A 269 23.92 -0.36 10.60
C PRO A 269 23.98 -0.33 12.14
N LEU A 270 22.83 -0.49 12.81
CA LEU A 270 22.82 -0.46 14.28
C LEU A 270 22.79 -1.86 14.79
N THR A 271 23.36 -2.06 15.98
CA THR A 271 23.26 -3.34 16.66
C THR A 271 22.63 -3.08 18.05
N LEU A 272 21.67 -3.89 18.46
CA LEU A 272 21.06 -3.69 19.77
C LEU A 272 21.19 -4.97 20.53
N ARG A 273 21.34 -4.87 21.86
CA ARG A 273 21.47 -6.04 22.72
C ARG A 273 20.72 -5.74 24.02
N TRP A 274 20.17 -6.76 24.65
CA TRP A 274 19.49 -6.63 25.93
C TRP A 274 20.40 -7.09 27.05
N ILE B 1 -11.68 -15.88 -6.54
CA ILE B 1 -10.73 -16.09 -5.41
C ILE B 1 -10.57 -14.86 -4.46
N GLN B 2 -10.79 -15.18 -3.19
CA GLN B 2 -10.83 -14.17 -2.12
C GLN B 2 -9.65 -14.36 -1.26
N ARG B 3 -9.23 -13.28 -0.56
CA ARG B 3 -8.12 -13.32 0.31
C ARG B 3 -8.45 -12.57 1.59
N THR B 4 -8.15 -13.19 2.73
CA THR B 4 -8.55 -12.64 4.05
C THR B 4 -7.53 -11.57 4.51
N PRO B 5 -8.00 -10.52 5.19
CA PRO B 5 -7.07 -9.53 5.67
C PRO B 5 -6.14 -9.91 6.76
N LYS B 6 -4.91 -9.41 6.64
CA LYS B 6 -3.98 -9.33 7.73
C LYS B 6 -4.39 -8.09 8.48
N ILE B 7 -4.30 -8.17 9.79
CA ILE B 7 -4.70 -7.06 10.66
C ILE B 7 -3.63 -6.74 11.70
N GLN B 8 -3.24 -5.49 11.80
CA GLN B 8 -2.36 -5.04 12.91
C GLN B 8 -3.03 -3.85 13.52
N VAL B 9 -3.04 -3.82 14.84
CA VAL B 9 -3.58 -2.71 15.62
C VAL B 9 -2.46 -2.22 16.54
N TYR B 10 -2.28 -0.90 16.56
CA TYR B 10 -1.06 -0.30 17.13
C TYR B 10 -1.23 1.17 17.25
N SER B 11 -0.35 1.79 18.04
CA SER B 11 -0.33 3.22 18.17
C SER B 11 0.79 3.88 17.29
N ARG B 12 0.58 5.14 16.97
CA ARG B 12 1.54 5.88 16.16
C ARG B 12 2.86 6.04 16.94
N HIS B 13 2.76 6.26 18.27
CA HIS B 13 3.88 6.38 19.19
C HIS B 13 3.75 5.40 20.34
N PRO B 14 4.87 5.01 20.99
CA PRO B 14 4.64 4.05 22.12
C PRO B 14 3.69 4.71 23.14
N ALA B 15 2.75 3.95 23.64
CA ALA B 15 1.63 4.51 24.42
C ALA B 15 2.16 5.05 25.74
N GLU B 16 1.75 6.26 26.08
CA GLU B 16 1.94 6.77 27.46
C GLU B 16 0.58 7.21 28.05
N ASN B 17 0.11 6.57 29.12
CA ASN B 17 -1.17 6.96 29.74
C ASN B 17 -1.27 8.49 29.95
N GLY B 18 -2.39 9.06 29.56
CA GLY B 18 -2.59 10.51 29.55
C GLY B 18 -1.99 11.36 28.48
N LYS B 19 -1.25 10.78 27.52
CA LYS B 19 -0.59 11.57 26.46
C LYS B 19 -1.24 11.27 25.12
N SER B 20 -1.56 12.31 24.38
CA SER B 20 -2.31 12.19 23.14
C SER B 20 -1.52 11.42 22.08
N ASN B 21 -2.23 10.65 21.26
CA ASN B 21 -1.60 9.67 20.36
C ASN B 21 -2.61 9.39 19.22
N PHE B 22 -2.31 8.37 18.41
CA PHE B 22 -3.24 7.88 17.35
C PHE B 22 -3.28 6.41 17.41
N LEU B 23 -4.49 5.89 17.33
CA LEU B 23 -4.74 4.48 17.28
C LEU B 23 -4.94 4.09 15.84
N ASN B 24 -4.19 3.07 15.40
CA ASN B 24 -4.18 2.65 14.00
C ASN B 24 -4.68 1.25 13.87
N CYS B 25 -5.49 0.96 12.85
CA CYS B 25 -5.77 -0.40 12.45
C CYS B 25 -5.39 -0.51 10.98
N TYR B 26 -4.40 -1.35 10.71
CA TYR B 26 -3.84 -1.49 9.34
C TYR B 26 -4.24 -2.84 8.79
N VAL B 27 -5.07 -2.80 7.75
CA VAL B 27 -5.63 -3.98 7.12
C VAL B 27 -4.95 -4.17 5.73
N SER B 28 -4.47 -5.38 5.41
CA SER B 28 -3.75 -5.56 4.16
C SER B 28 -3.89 -7.03 3.69
N GLY B 29 -3.47 -7.28 2.46
CA GLY B 29 -3.46 -8.67 1.90
C GLY B 29 -4.84 -9.17 1.58
N PHE B 30 -5.84 -8.29 1.48
CA PHE B 30 -7.20 -8.73 1.24
C PHE B 30 -7.77 -8.51 -0.15
N HIS B 31 -8.79 -9.32 -0.47
CA HIS B 31 -9.53 -9.25 -1.73
C HIS B 31 -10.84 -9.97 -1.48
N PRO B 32 -11.99 -9.40 -1.83
CA PRO B 32 -12.15 -8.11 -2.50
C PRO B 32 -11.99 -6.87 -1.61
N SER B 33 -12.14 -5.68 -2.20
CA SER B 33 -11.84 -4.43 -1.51
C SER B 33 -12.94 -4.06 -0.53
N ASP B 34 -14.17 -4.54 -0.73
CA ASP B 34 -15.26 -4.14 0.22
C ASP B 34 -14.91 -4.66 1.61
N ILE B 35 -14.86 -3.75 2.58
CA ILE B 35 -14.41 -4.04 3.91
C ILE B 35 -14.98 -3.03 4.89
N GLU B 36 -15.24 -3.46 6.14
CA GLU B 36 -15.53 -2.49 7.19
C GLU B 36 -14.56 -2.64 8.29
N VAL B 37 -14.07 -1.53 8.82
CA VAL B 37 -13.08 -1.51 9.86
C VAL B 37 -13.50 -0.48 10.94
N ASP B 38 -13.80 -0.99 12.13
CA ASP B 38 -14.26 -0.16 13.24
C ASP B 38 -13.25 -0.25 14.35
N LEU B 39 -12.94 0.87 14.96
CA LEU B 39 -12.18 0.88 16.20
C LEU B 39 -13.13 0.94 17.40
N LEU B 40 -12.93 0.05 18.37
CA LEU B 40 -13.76 -0.12 19.57
C LEU B 40 -13.01 0.38 20.80
N LYS B 41 -13.71 1.13 21.66
CA LYS B 41 -13.19 1.54 22.96
C LYS B 41 -14.10 0.91 24.06
N ASN B 42 -13.54 0.02 24.86
CA ASN B 42 -14.32 -0.81 25.78
C ASN B 42 -15.55 -1.45 25.12
N GLY B 43 -15.36 -2.06 23.96
CA GLY B 43 -16.48 -2.70 23.23
C GLY B 43 -17.34 -1.75 22.38
N GLU B 44 -17.14 -0.44 22.50
CA GLU B 44 -18.01 0.56 21.91
C GLU B 44 -17.36 1.18 20.64
N ARG B 45 -18.01 1.08 19.52
CA ARG B 45 -17.51 1.73 18.33
C ARG B 45 -17.27 3.23 18.45
N ILE B 46 -16.07 3.64 18.11
CA ILE B 46 -15.70 5.05 18.03
C ILE B 46 -16.28 5.67 16.78
N GLU B 47 -16.87 6.84 16.96
CA GLU B 47 -17.66 7.46 15.93
C GLU B 47 -16.78 8.02 14.83
N LYS B 48 -15.70 8.67 15.24
CA LYS B 48 -14.95 9.46 14.30
C LYS B 48 -13.65 8.70 14.01
N VAL B 49 -13.65 8.04 12.86
CA VAL B 49 -12.46 7.27 12.41
C VAL B 49 -12.27 7.56 10.90
N GLU B 50 -11.04 7.87 10.53
CA GLU B 50 -10.75 8.17 9.17
C GLU B 50 -9.93 7.06 8.59
N HIS B 51 -9.82 7.07 7.27
CA HIS B 51 -8.99 6.03 6.63
C HIS B 51 -8.30 6.57 5.39
N SER B 52 -7.27 5.85 4.99
CA SER B 52 -6.54 6.13 3.77
C SER B 52 -7.35 5.75 2.55
N ASP B 53 -6.94 6.31 1.43
CA ASP B 53 -7.55 6.01 0.19
C ASP B 53 -7.11 4.58 -0.23
N LEU B 54 -8.05 3.89 -0.85
CA LEU B 54 -7.79 2.50 -1.31
C LEU B 54 -6.67 2.37 -2.31
N SER B 55 -5.72 1.49 -1.98
CA SER B 55 -4.62 1.24 -2.85
C SER B 55 -4.32 -0.26 -2.72
N PHE B 56 -3.36 -0.70 -3.48
CA PHE B 56 -2.99 -2.13 -3.52
C PHE B 56 -1.55 -2.38 -3.81
N SER B 57 -1.15 -3.58 -3.43
CA SER B 57 0.20 -4.03 -3.53
C SER B 57 0.42 -4.74 -4.85
N LYS B 58 1.66 -5.15 -5.08
CA LYS B 58 2.00 -5.74 -6.38
C LYS B 58 1.32 -7.09 -6.61
N ASP B 59 0.93 -7.75 -5.53
CA ASP B 59 0.17 -8.99 -5.63
C ASP B 59 -1.37 -8.79 -5.80
N TRP B 60 -1.76 -7.52 -6.04
CA TRP B 60 -3.06 -7.04 -6.26
C TRP B 60 -3.94 -6.98 -4.97
N SER B 61 -3.41 -7.31 -3.84
CA SER B 61 -4.22 -7.31 -2.60
CA SER B 61 -4.22 -7.28 -2.60
C SER B 61 -4.29 -5.86 -2.08
N PHE B 62 -5.40 -5.57 -1.46
CA PHE B 62 -5.68 -4.20 -1.00
C PHE B 62 -5.10 -3.94 0.37
N TYR B 63 -4.85 -2.66 0.63
CA TYR B 63 -4.51 -2.26 1.98
C TYR B 63 -5.10 -0.89 2.33
N LEU B 64 -5.41 -0.71 3.63
CA LEU B 64 -6.01 0.49 4.19
C LEU B 64 -5.51 0.71 5.60
N LEU B 65 -5.35 1.98 5.95
CA LEU B 65 -5.10 2.40 7.32
C LEU B 65 -6.30 3.18 7.86
N TYR B 66 -6.85 2.70 8.98
CA TYR B 66 -7.92 3.35 9.73
C TYR B 66 -7.31 3.91 11.01
N TYR B 67 -7.69 5.13 11.37
CA TYR B 67 -7.00 5.75 12.52
C TYR B 67 -7.90 6.77 13.19
N THR B 68 -7.59 7.00 14.44
CA THR B 68 -8.33 8.03 15.20
C THR B 68 -7.39 8.52 16.29
N GLU B 69 -7.44 9.81 16.55
CA GLU B 69 -6.76 10.43 17.70
C GLU B 69 -7.32 9.87 19.04
N PHE B 70 -6.46 9.53 19.99
CA PHE B 70 -6.91 9.06 21.30
C PHE B 70 -5.90 9.37 22.40
N THR B 71 -6.35 9.27 23.66
CA THR B 71 -5.48 9.30 24.85
C THR B 71 -5.63 8.01 25.59
N PRO B 72 -4.59 7.15 25.56
CA PRO B 72 -4.72 5.88 26.28
C PRO B 72 -4.79 6.05 27.85
N THR B 73 -5.41 5.10 28.54
CA THR B 73 -5.42 5.10 30.02
C THR B 73 -5.30 3.70 30.44
N GLU B 74 -5.02 3.46 31.73
CA GLU B 74 -5.00 2.08 32.19
C GLU B 74 -6.40 1.46 32.04
N LYS B 75 -7.46 2.26 32.20
CA LYS B 75 -8.82 1.71 32.17
C LYS B 75 -9.16 1.10 30.80
N ASP B 76 -8.96 1.90 29.77
CA ASP B 76 -9.55 1.64 28.44
C ASP B 76 -8.89 0.51 27.59
N GLU B 77 -9.72 -0.41 27.07
CA GLU B 77 -9.28 -1.45 26.17
C GLU B 77 -9.64 -0.94 24.77
N TYR B 78 -8.77 -1.18 23.79
CA TYR B 78 -9.10 -0.78 22.46
C TYR B 78 -8.96 -2.01 21.60
N ALA B 79 -9.76 -2.06 20.55
CA ALA B 79 -9.73 -3.16 19.65
C ALA B 79 -10.06 -2.66 18.23
N CYS B 80 -9.72 -3.48 17.26
CA CYS B 80 -10.10 -3.23 15.88
C CYS B 80 -11.04 -4.35 15.47
N ARG B 81 -12.19 -4.01 14.89
CA ARG B 81 -13.13 -5.02 14.45
C ARG B 81 -13.20 -4.94 12.90
N VAL B 82 -12.89 -6.05 12.26
CA VAL B 82 -12.78 -6.13 10.77
C VAL B 82 -13.83 -7.06 10.27
N ASN B 83 -14.59 -6.53 9.34
CA ASN B 83 -15.75 -7.20 8.71
C ASN B 83 -15.51 -7.38 7.20
N HIS B 84 -15.34 -8.63 6.78
CA HIS B 84 -14.98 -8.93 5.41
C HIS B 84 -15.66 -10.25 5.01
N VAL B 85 -15.93 -10.41 3.73
CA VAL B 85 -16.61 -11.59 3.18
C VAL B 85 -15.92 -12.93 3.48
N THR B 86 -14.60 -12.90 3.66
CA THR B 86 -13.85 -14.05 3.93
C THR B 86 -14.01 -14.52 5.39
N LEU B 87 -14.68 -13.70 6.21
CA LEU B 87 -14.88 -14.00 7.63
C LEU B 87 -16.36 -14.23 7.94
N SER B 88 -16.67 -15.41 8.41
CA SER B 88 -18.10 -15.72 8.69
C SER B 88 -18.64 -14.88 9.88
N GLN B 89 -17.73 -14.39 10.76
CA GLN B 89 -18.06 -13.37 11.69
C GLN B 89 -16.96 -12.35 11.80
N PRO B 90 -17.25 -11.09 12.14
CA PRO B 90 -16.17 -10.12 12.28
C PRO B 90 -15.09 -10.48 13.27
N LYS B 91 -13.82 -10.18 12.89
CA LYS B 91 -12.68 -10.55 13.72
C LYS B 91 -12.33 -9.39 14.54
N ILE B 92 -12.19 -9.59 15.86
CA ILE B 92 -11.83 -8.54 16.78
C ILE B 92 -10.40 -8.78 17.24
N VAL B 93 -9.56 -7.77 16.98
CA VAL B 93 -8.15 -7.84 17.37
C VAL B 93 -7.87 -6.78 18.43
N LYS B 94 -7.46 -7.24 19.61
CA LYS B 94 -7.20 -6.36 20.71
C LYS B 94 -5.91 -5.64 20.50
N TRP B 95 -5.87 -4.37 20.86
CA TRP B 95 -4.65 -3.58 20.92
C TRP B 95 -3.72 -4.10 22.04
N ASP B 96 -2.47 -4.39 21.71
CA ASP B 96 -1.39 -4.68 22.71
C ASP B 96 -0.34 -3.58 22.55
N ARG B 97 -0.05 -2.86 23.63
CA ARG B 97 0.89 -1.71 23.55
C ARG B 97 2.33 -2.10 23.15
N ASP B 98 2.66 -3.36 23.26
CA ASP B 98 3.98 -3.77 22.77
C ASP B 98 3.92 -4.66 21.53
N MET B 99 2.95 -4.43 20.66
CA MET B 99 2.93 -5.09 19.32
C MET B 99 2.57 -4.10 18.21
N SER C 1 2.18 12.97 -12.96
CA SER C 1 1.18 13.15 -14.01
C SER C 1 0.83 11.83 -14.59
N SER C 2 -0.45 11.63 -14.76
CA SER C 2 -1.00 10.42 -15.41
C SER C 2 -1.07 10.51 -16.94
N CYS C 3 -1.41 9.38 -17.55
CA CYS C 3 -1.34 9.25 -18.99
C CYS C 3 -2.65 9.68 -19.66
N SER C 4 -2.57 10.51 -20.73
CA SER C 4 -3.76 11.00 -21.40
C SER C 4 -4.22 10.10 -22.55
N SER C 5 -3.35 9.24 -23.09
CA SER C 5 -3.73 8.42 -24.25
C SER C 5 -3.83 6.93 -23.99
N CYS C 6 -3.44 6.52 -22.81
CA CYS C 6 -3.19 5.07 -22.54
C CYS C 6 -4.46 4.20 -22.57
N PRO C 7 -5.65 4.75 -22.09
CA PRO C 7 -6.86 3.88 -22.00
C PRO C 7 -7.40 3.44 -23.35
N LEU C 8 -7.43 2.12 -23.48
CA LEU C 8 -8.04 1.54 -24.59
C LEU C 8 -8.88 0.38 -24.15
N SER C 9 -10.04 0.20 -24.82
CA SER C 9 -10.95 -0.91 -24.46
C SER C 9 -10.30 -2.30 -24.51
N LYS C 10 -10.69 -3.11 -23.53
CA LYS C 10 -10.23 -4.54 -23.47
C LYS C 10 -11.10 -5.46 -24.36
C1 GOL D . 18.42 -2.36 25.17
O1 GOL D . 18.80 -2.20 23.79
C2 GOL D . 17.74 -1.19 25.92
O2 GOL D . 18.72 -0.44 26.65
C3 GOL D . 16.85 -0.23 25.11
O3 GOL D . 16.67 -0.56 23.73
C1 GOL E . -19.09 -8.73 5.39
O1 GOL E . -19.43 -9.89 4.60
C2 GOL E . -19.56 -7.39 4.81
O2 GOL E . -20.86 -7.53 4.18
C3 GOL E . -18.52 -6.85 3.82
O3 GOL E . -18.27 -5.47 4.12
#